data_8J2X
#
_entry.id   8J2X
#
_cell.length_a   109.667
_cell.length_b   109.667
_cell.length_c   98.074
_cell.angle_alpha   90.00
_cell.angle_beta   90.00
_cell.angle_gamma   120.00
#
_symmetry.space_group_name_H-M   'P 32 2 1'
#
loop_
_entity.id
_entity.type
_entity.pdbx_description
1 polymer 'Cobalamin-binding protein'
2 non-polymer COBALAMIN
3 non-polymer 'BILIVERDINE IX ALPHA'
4 non-polymer DI(HYDROXYETHYL)ETHER
5 water water
#
_entity_poly.entity_id   1
_entity_poly.type   'polypeptide(L)'
_entity_poly.pdbx_seq_one_letter_code
;VDILAAGREELMAALAEGDEHAAVDLAMRLLDGGVPADVVLLELVADAQVEIGVLWQANRWSVAQEHAATAISERVIAAV
GDRAAAAPTRGHVVVACLDGEWHALPARIVAEVLRGRGWRVTFLGASVPAAHLVPYLEEHGPDAVALSCTLPRGLPRADQ
VVAACRATGTPVLVGGLGFGPDGRWARVLGAGTWAPTARAAADLLDRPEWPRTALPAPPRPADPEYAALRARRAELVDAG
LAALHEWFPPLRDYDARRLDATLDDLGDIVDHLAASVYVDDPELFGEFVTWTAEVLAARGVSPASVEVALEAIARVLDDH
PRTRHHLDHGRRALAAHLEHH
;
_entity_poly.pdbx_strand_id   A
#
# COMPACT_ATOMS: atom_id res chain seq x y z
N VAL A 1 19.52 24.35 -15.46
CA VAL A 1 18.07 24.52 -15.42
C VAL A 1 17.38 23.20 -15.10
N ASP A 2 17.52 22.74 -13.84
CA ASP A 2 16.89 21.49 -13.43
C ASP A 2 15.39 21.74 -13.24
N ILE A 3 14.67 21.57 -14.35
CA ILE A 3 13.25 21.87 -14.39
C ILE A 3 12.46 20.92 -13.49
N LEU A 4 12.99 19.70 -13.32
CA LEU A 4 12.35 18.69 -12.49
C LEU A 4 12.40 19.02 -10.99
N ALA A 5 13.55 19.52 -10.51
CA ALA A 5 13.69 19.90 -9.11
C ALA A 5 12.82 21.11 -8.80
N ALA A 6 12.84 22.10 -9.69
CA ALA A 6 11.95 23.25 -9.59
C ALA A 6 10.47 22.85 -9.59
N GLY A 7 10.10 21.95 -10.52
CA GLY A 7 8.75 21.44 -10.65
C GLY A 7 8.25 20.70 -9.41
N ARG A 8 9.14 19.89 -8.83
N ARG A 8 9.12 19.89 -8.78
CA ARG A 8 8.86 19.11 -7.64
CA ARG A 8 8.72 19.12 -7.62
C ARG A 8 8.43 20.01 -6.47
C ARG A 8 8.38 20.04 -6.46
N GLU A 9 9.17 21.12 -6.29
CA GLU A 9 8.91 22.06 -5.21
C GLU A 9 7.62 22.87 -5.45
N GLU A 10 7.45 23.33 -6.68
CA GLU A 10 6.24 24.05 -7.08
C GLU A 10 4.99 23.20 -6.87
N LEU A 11 5.05 21.93 -7.29
CA LEU A 11 3.90 21.04 -7.17
C LEU A 11 3.55 20.79 -5.71
N MET A 12 4.59 20.54 -4.89
CA MET A 12 4.39 20.28 -3.48
C MET A 12 3.75 21.48 -2.79
N ALA A 13 4.22 22.68 -3.13
CA ALA A 13 3.63 23.91 -2.61
C ALA A 13 2.16 24.06 -3.03
N ALA A 14 1.87 23.75 -4.29
CA ALA A 14 0.49 23.82 -4.77
C ALA A 14 -0.40 22.79 -4.05
N LEU A 15 0.08 21.55 -3.91
CA LEU A 15 -0.70 20.53 -3.22
C LEU A 15 -0.96 20.92 -1.77
N ALA A 16 0.09 21.36 -1.07
CA ALA A 16 -0.02 21.74 0.33
C ALA A 16 -0.96 22.92 0.57
N GLU A 17 -1.05 23.84 -0.39
CA GLU A 17 -1.92 25.00 -0.30
C GLU A 17 -3.29 24.80 -0.94
N GLY A 18 -3.51 23.64 -1.56
CA GLY A 18 -4.72 23.37 -2.31
C GLY A 18 -4.92 24.26 -3.53
N ASP A 19 -3.84 24.61 -4.25
CA ASP A 19 -3.99 25.43 -5.44
C ASP A 19 -4.05 24.54 -6.69
N GLU A 20 -5.27 24.25 -7.16
CA GLU A 20 -5.44 23.29 -8.24
C GLU A 20 -4.99 23.90 -9.58
N HIS A 21 -5.14 25.22 -9.72
CA HIS A 21 -4.77 25.91 -10.95
C HIS A 21 -3.26 25.79 -11.19
N ALA A 22 -2.47 26.06 -10.16
CA ALA A 22 -1.02 26.04 -10.27
C ALA A 22 -0.54 24.61 -10.53
N ALA A 23 -1.13 23.63 -9.84
CA ALA A 23 -0.70 22.25 -9.99
C ALA A 23 -0.98 21.72 -11.40
N VAL A 24 -2.23 21.88 -11.87
CA VAL A 24 -2.58 21.37 -13.19
C VAL A 24 -1.81 22.12 -14.30
N ASP A 25 -1.68 23.44 -14.16
CA ASP A 25 -0.98 24.22 -15.16
C ASP A 25 0.50 23.86 -15.23
N LEU A 26 1.11 23.56 -14.08
CA LEU A 26 2.49 23.14 -14.03
C LEU A 26 2.65 21.86 -14.84
N ALA A 27 1.76 20.89 -14.60
CA ALA A 27 1.79 19.65 -15.36
C ALA A 27 1.65 19.92 -16.86
N MET A 28 0.77 20.86 -17.24
CA MET A 28 0.58 21.16 -18.66
C MET A 28 1.80 21.86 -19.27
N ARG A 29 2.45 22.76 -18.52
CA ARG A 29 3.64 23.44 -19.02
C ARG A 29 4.81 22.48 -19.22
N LEU A 30 4.96 21.51 -18.29
CA LEU A 30 5.97 20.47 -18.43
C LEU A 30 5.75 19.71 -19.75
N LEU A 31 4.52 19.31 -20.05
CA LEU A 31 4.25 18.65 -21.32
C LEU A 31 4.49 19.58 -22.50
N ASP A 32 4.09 20.86 -22.41
CA ASP A 32 4.41 21.86 -23.42
C ASP A 32 5.91 21.93 -23.75
N GLY A 33 6.76 21.73 -22.73
CA GLY A 33 8.21 21.78 -22.90
C GLY A 33 8.84 20.45 -23.34
N GLY A 34 7.99 19.43 -23.55
CA GLY A 34 8.46 18.16 -24.06
C GLY A 34 8.92 17.18 -22.99
N VAL A 35 8.64 17.51 -21.72
CA VAL A 35 8.92 16.59 -20.62
C VAL A 35 7.99 15.39 -20.79
N PRO A 36 8.51 14.14 -20.85
CA PRO A 36 7.65 12.97 -21.01
C PRO A 36 6.62 12.84 -19.89
N ALA A 37 5.40 12.43 -20.27
CA ALA A 37 4.30 12.29 -19.32
C ALA A 37 4.69 11.34 -18.19
N ASP A 38 5.43 10.27 -18.51
CA ASP A 38 5.78 9.31 -17.46
C ASP A 38 6.79 9.91 -16.49
N VAL A 39 7.60 10.88 -16.93
CA VAL A 39 8.45 11.62 -16.01
C VAL A 39 7.60 12.49 -15.08
N VAL A 40 6.61 13.20 -15.64
CA VAL A 40 5.75 14.05 -14.83
C VAL A 40 5.08 13.22 -13.75
N LEU A 41 4.52 12.05 -14.13
CA LEU A 41 3.78 11.22 -13.20
C LEU A 41 4.67 10.53 -12.15
N LEU A 42 5.87 10.09 -12.54
CA LEU A 42 6.72 9.29 -11.65
C LEU A 42 7.68 10.17 -10.86
N GLU A 43 8.41 11.05 -11.53
CA GLU A 43 9.41 11.87 -10.85
C GLU A 43 8.83 13.13 -10.17
N LEU A 44 7.62 13.54 -10.54
CA LEU A 44 7.00 14.69 -9.89
C LEU A 44 5.81 14.32 -9.01
N VAL A 45 4.75 13.78 -9.61
CA VAL A 45 3.54 13.49 -8.85
C VAL A 45 3.80 12.44 -7.79
N ALA A 46 4.35 11.28 -8.19
CA ALA A 46 4.59 10.19 -7.26
C ALA A 46 5.50 10.64 -6.13
N ASP A 47 6.56 11.37 -6.47
CA ASP A 47 7.47 11.93 -5.48
C ASP A 47 6.81 12.89 -4.47
N ALA A 48 5.95 13.79 -4.96
CA ALA A 48 5.21 14.68 -4.06
C ALA A 48 4.31 13.89 -3.10
N GLN A 49 3.68 12.82 -3.63
CA GLN A 49 2.85 11.94 -2.80
C GLN A 49 3.65 11.22 -1.71
N VAL A 50 4.89 10.84 -2.01
CA VAL A 50 5.75 10.20 -1.00
C VAL A 50 5.97 11.17 0.15
N GLU A 51 6.36 12.41 -0.16
CA GLU A 51 6.54 13.47 0.83
C GLU A 51 5.27 13.79 1.62
N ILE A 52 4.10 13.79 0.97
CA ILE A 52 2.86 13.96 1.70
C ILE A 52 2.69 12.87 2.75
N GLY A 53 3.02 11.62 2.37
CA GLY A 53 2.98 10.49 3.28
C GLY A 53 3.83 10.72 4.53
N VAL A 54 5.00 11.34 4.33
CA VAL A 54 5.91 11.64 5.42
C VAL A 54 5.30 12.69 6.35
N LEU A 55 4.69 13.72 5.76
CA LEU A 55 4.01 14.75 6.53
C LEU A 55 2.86 14.14 7.34
N TRP A 56 2.09 13.24 6.71
CA TRP A 56 0.97 12.59 7.38
C TRP A 56 1.42 11.74 8.57
N GLN A 57 2.45 10.91 8.35
CA GLN A 57 2.99 10.04 9.39
C GLN A 57 3.41 10.85 10.61
N ALA A 58 4.06 11.98 10.35
CA ALA A 58 4.48 12.91 11.40
C ALA A 58 3.36 13.79 11.96
N ASN A 59 2.10 13.53 11.58
CA ASN A 59 0.96 14.30 12.06
C ASN A 59 1.03 15.77 11.64
N ARG A 60 1.40 16.03 10.39
CA ARG A 60 1.52 17.38 9.88
C ARG A 60 0.70 17.55 8.60
N TRP A 61 -0.42 16.81 8.52
CA TRP A 61 -1.23 16.77 7.31
C TRP A 61 -2.71 16.57 7.67
N SER A 62 -3.49 17.62 7.46
CA SER A 62 -4.90 17.60 7.83
C SER A 62 -5.77 16.81 6.85
N VAL A 63 -6.96 16.44 7.33
CA VAL A 63 -8.03 15.91 6.51
C VAL A 63 -8.33 16.81 5.32
N ALA A 64 -8.48 18.12 5.57
CA ALA A 64 -8.69 19.07 4.50
C ALA A 64 -7.55 19.05 3.49
N GLN A 65 -6.30 18.88 3.96
CA GLN A 65 -5.19 18.81 3.04
C GLN A 65 -5.24 17.52 2.24
N GLU A 66 -5.60 16.39 2.86
CA GLU A 66 -5.69 15.13 2.13
C GLU A 66 -6.66 15.26 0.95
N HIS A 67 -7.88 15.77 1.21
CA HIS A 67 -8.91 15.88 0.17
C HIS A 67 -8.47 16.82 -0.94
N ALA A 68 -7.97 18.00 -0.57
CA ALA A 68 -7.51 18.96 -1.55
C ALA A 68 -6.38 18.39 -2.40
N ALA A 69 -5.38 17.75 -1.78
CA ALA A 69 -4.21 17.27 -2.51
C ALA A 69 -4.53 16.06 -3.40
N THR A 70 -5.28 15.10 -2.85
CA THR A 70 -5.71 13.95 -3.64
C THR A 70 -6.57 14.37 -4.84
N ALA A 71 -7.52 15.30 -4.64
CA ALA A 71 -8.36 15.76 -5.73
C ALA A 71 -7.52 16.43 -6.82
N ILE A 72 -6.56 17.26 -6.43
CA ILE A 72 -5.67 17.89 -7.40
C ILE A 72 -4.83 16.85 -8.16
N SER A 73 -4.30 15.86 -7.44
CA SER A 73 -3.55 14.80 -8.09
C SER A 73 -4.39 13.99 -9.06
N GLU A 74 -5.66 13.72 -8.71
CA GLU A 74 -6.56 13.06 -9.64
C GLU A 74 -6.65 13.86 -10.95
N ARG A 75 -6.78 15.19 -10.81
CA ARG A 75 -6.93 16.07 -11.95
C ARG A 75 -5.66 16.17 -12.80
N VAL A 76 -4.51 16.20 -12.12
CA VAL A 76 -3.22 16.24 -12.80
C VAL A 76 -3.02 14.96 -13.62
N ILE A 77 -3.23 13.81 -12.98
CA ILE A 77 -3.07 12.52 -13.63
C ILE A 77 -4.03 12.36 -14.81
N ALA A 78 -5.28 12.79 -14.64
CA ALA A 78 -6.24 12.76 -15.73
C ALA A 78 -5.80 13.60 -16.93
N ALA A 79 -5.36 14.84 -16.67
CA ALA A 79 -4.97 15.76 -17.74
C ALA A 79 -3.69 15.26 -18.44
N VAL A 80 -2.69 14.87 -17.65
CA VAL A 80 -1.45 14.32 -18.20
C VAL A 80 -1.71 13.03 -18.99
N GLY A 81 -2.46 12.11 -18.38
CA GLY A 81 -2.76 10.82 -18.98
C GLY A 81 -3.49 10.91 -20.32
N ASP A 82 -4.51 11.76 -20.37
CA ASP A 82 -5.26 11.96 -21.60
C ASP A 82 -4.42 12.59 -22.70
N ARG A 83 -3.65 13.60 -22.31
CA ARG A 83 -2.81 14.35 -23.21
C ARG A 83 -1.78 13.41 -23.88
N ALA A 84 -1.18 12.52 -23.08
CA ALA A 84 -0.11 11.65 -23.54
C ALA A 84 -0.61 10.29 -24.04
N ALA A 85 -1.90 10.01 -23.87
CA ALA A 85 -2.46 8.76 -24.34
C ALA A 85 -2.15 8.53 -25.82
N ALA A 86 -1.69 7.31 -26.15
CA ALA A 86 -1.38 6.92 -27.51
C ALA A 86 -2.54 6.08 -28.06
N ALA A 87 -2.54 5.88 -29.39
CA ALA A 87 -3.51 5.01 -30.03
C ALA A 87 -3.52 3.63 -29.35
N PRO A 88 -4.69 3.14 -28.84
CA PRO A 88 -4.76 1.83 -28.21
C PRO A 88 -4.66 0.68 -29.21
N THR A 89 -3.43 0.42 -29.68
CA THR A 89 -3.18 -0.59 -30.70
C THR A 89 -2.69 -1.93 -30.12
N ARG A 90 -2.06 -1.88 -28.94
CA ARG A 90 -1.33 -3.04 -28.44
C ARG A 90 -2.19 -4.14 -27.84
N GLY A 91 -3.38 -3.79 -27.33
CA GLY A 91 -4.22 -4.73 -26.59
C GLY A 91 -4.95 -4.10 -25.40
N HIS A 92 -5.39 -4.95 -24.47
CA HIS A 92 -6.25 -4.53 -23.36
C HIS A 92 -5.65 -4.98 -22.03
N VAL A 93 -5.45 -4.03 -21.10
CA VAL A 93 -5.01 -4.32 -19.75
C VAL A 93 -6.09 -3.84 -18.78
N VAL A 94 -6.49 -4.72 -17.86
CA VAL A 94 -7.38 -4.37 -16.77
C VAL A 94 -6.54 -4.05 -15.55
N VAL A 95 -6.83 -2.89 -14.92
CA VAL A 95 -6.14 -2.46 -13.71
C VAL A 95 -7.12 -2.39 -12.55
N ALA A 96 -6.73 -2.93 -11.40
CA ALA A 96 -7.58 -2.99 -10.23
C ALA A 96 -6.79 -2.94 -8.93
N CYS A 97 -7.33 -2.19 -7.96
CA CYS A 97 -6.88 -2.28 -6.58
C CYS A 97 -7.55 -3.49 -5.93
N LEU A 98 -6.81 -4.15 -5.03
CA LEU A 98 -7.36 -5.20 -4.20
C LEU A 98 -8.55 -4.71 -3.38
N ASP A 99 -9.42 -5.64 -3.02
CA ASP A 99 -10.53 -5.37 -2.12
C ASP A 99 -9.99 -4.81 -0.80
N GLY A 100 -10.54 -3.68 -0.34
CA GLY A 100 -10.05 -3.03 0.87
C GLY A 100 -8.85 -2.10 0.65
N GLU A 101 -8.37 -2.01 -0.60
CA GLU A 101 -7.29 -1.10 -0.97
C GLU A 101 -7.88 0.17 -1.60
N TRP A 102 -7.66 1.32 -0.94
CA TRP A 102 -8.17 2.61 -1.39
C TRP A 102 -7.09 3.53 -1.97
N HIS A 103 -5.84 3.03 -2.06
CA HIS A 103 -4.76 3.80 -2.67
C HIS A 103 -4.85 3.58 -4.19
N ALA A 104 -5.79 4.28 -4.85
CA ALA A 104 -5.97 4.15 -6.28
C ALA A 104 -5.02 5.01 -7.12
N LEU A 105 -4.42 6.05 -6.54
CA LEU A 105 -3.53 6.91 -7.30
C LEU A 105 -2.35 6.15 -7.93
N PRO A 106 -1.63 5.26 -7.19
CA PRO A 106 -0.55 4.49 -7.81
C PRO A 106 -1.01 3.64 -9.00
N ALA A 107 -2.18 3.01 -8.85
CA ALA A 107 -2.79 2.22 -9.91
C ALA A 107 -3.18 3.06 -11.11
N ARG A 108 -3.71 4.27 -10.88
CA ARG A 108 -4.11 5.16 -11.97
C ARG A 108 -2.89 5.62 -12.76
N ILE A 109 -1.79 5.88 -12.04
CA ILE A 109 -0.54 6.20 -12.70
C ILE A 109 -0.11 5.06 -13.62
N VAL A 110 -0.22 3.81 -13.12
CA VAL A 110 0.07 2.65 -13.95
C VAL A 110 -0.84 2.67 -15.17
N ALA A 111 -2.14 2.91 -14.95
CA ALA A 111 -3.10 2.91 -16.04
C ALA A 111 -2.75 3.94 -17.11
N GLU A 112 -2.35 5.16 -16.69
CA GLU A 112 -2.06 6.21 -17.65
C GLU A 112 -0.75 5.99 -18.42
N VAL A 113 0.27 5.47 -17.73
CA VAL A 113 1.53 5.15 -18.40
C VAL A 113 1.33 4.09 -19.47
N LEU A 114 0.53 3.06 -19.16
CA LEU A 114 0.18 2.03 -20.12
C LEU A 114 -0.58 2.58 -21.34
N ARG A 115 -1.54 3.48 -21.12
N ARG A 115 -1.55 3.48 -21.11
CA ARG A 115 -2.23 4.16 -22.21
CA ARG A 115 -2.23 4.18 -22.18
C ARG A 115 -1.23 4.93 -23.07
C ARG A 115 -1.25 4.95 -23.06
N GLY A 116 -0.25 5.57 -22.42
CA GLY A 116 0.80 6.28 -23.13
C GLY A 116 1.70 5.40 -23.99
N ARG A 117 1.65 4.08 -23.76
CA ARG A 117 2.41 3.12 -24.55
C ARG A 117 1.54 2.28 -25.48
N GLY A 118 0.30 2.71 -25.72
CA GLY A 118 -0.55 2.10 -26.72
C GLY A 118 -1.50 1.00 -26.24
N TRP A 119 -1.68 0.88 -24.92
CA TRP A 119 -2.60 -0.08 -24.33
C TRP A 119 -3.96 0.55 -24.09
N ARG A 120 -5.01 -0.21 -24.40
CA ARG A 120 -6.33 0.10 -23.88
C ARG A 120 -6.41 -0.38 -22.44
N VAL A 121 -6.74 0.54 -21.53
CA VAL A 121 -6.80 0.21 -20.11
C VAL A 121 -8.23 0.39 -19.59
N THR A 122 -8.78 -0.66 -18.98
CA THR A 122 -9.95 -0.53 -18.12
C THR A 122 -9.50 -0.49 -16.66
N PHE A 123 -9.74 0.65 -16.01
CA PHE A 123 -9.47 0.86 -14.61
C PHE A 123 -10.70 0.56 -13.77
N LEU A 124 -10.69 -0.54 -13.01
CA LEU A 124 -11.86 -0.93 -12.24
C LEU A 124 -11.92 -0.22 -10.89
N GLY A 125 -10.87 0.50 -10.54
CA GLY A 125 -10.91 1.41 -9.40
C GLY A 125 -10.34 0.84 -8.10
N ALA A 126 -10.59 1.59 -7.04
CA ALA A 126 -10.27 1.22 -5.67
C ALA A 126 -11.10 0.04 -5.19
N SER A 127 -10.52 -0.74 -4.28
CA SER A 127 -11.23 -1.78 -3.55
C SER A 127 -12.16 -2.63 -4.41
N VAL A 128 -11.59 -3.44 -5.32
CA VAL A 128 -12.38 -4.24 -6.23
C VAL A 128 -12.51 -5.67 -5.70
N PRO A 129 -13.73 -6.14 -5.36
CA PRO A 129 -13.87 -7.53 -4.90
C PRO A 129 -13.52 -8.51 -6.00
N ALA A 130 -12.85 -9.61 -5.66
CA ALA A 130 -12.57 -10.67 -6.60
C ALA A 130 -13.86 -11.18 -7.26
N ALA A 131 -14.97 -11.19 -6.51
CA ALA A 131 -16.26 -11.60 -7.03
C ALA A 131 -16.71 -10.73 -8.21
N HIS A 132 -16.22 -9.49 -8.26
CA HIS A 132 -16.46 -8.59 -9.38
C HIS A 132 -15.36 -8.72 -10.43
N LEU A 133 -14.09 -8.78 -10.00
CA LEU A 133 -12.96 -8.79 -10.91
C LEU A 133 -12.89 -10.02 -11.81
N VAL A 134 -13.09 -11.21 -11.22
CA VAL A 134 -12.89 -12.47 -11.92
C VAL A 134 -13.86 -12.64 -13.10
N PRO A 135 -15.19 -12.47 -12.92
CA PRO A 135 -16.12 -12.50 -14.06
C PRO A 135 -15.76 -11.52 -15.17
N TYR A 136 -15.27 -10.34 -14.78
CA TYR A 136 -14.87 -9.33 -15.74
C TYR A 136 -13.79 -9.87 -16.67
N LEU A 137 -12.79 -10.53 -16.09
CA LEU A 137 -11.69 -11.10 -16.86
C LEU A 137 -12.14 -12.23 -17.77
N GLU A 138 -13.07 -13.07 -17.28
CA GLU A 138 -13.52 -14.25 -18.00
C GLU A 138 -14.27 -13.91 -19.29
N GLU A 139 -15.00 -12.79 -19.29
CA GLU A 139 -15.77 -12.40 -20.47
C GLU A 139 -15.08 -11.38 -21.37
N HIS A 140 -14.18 -10.55 -20.81
CA HIS A 140 -13.47 -9.57 -21.60
C HIS A 140 -12.11 -10.11 -22.07
N GLY A 141 -11.64 -11.18 -21.42
CA GLY A 141 -10.36 -11.80 -21.75
C GLY A 141 -9.25 -10.80 -22.10
N PRO A 142 -8.85 -9.91 -21.18
CA PRO A 142 -7.76 -8.96 -21.45
C PRO A 142 -6.42 -9.67 -21.61
N ASP A 143 -5.48 -8.99 -22.25
CA ASP A 143 -4.10 -9.47 -22.37
C ASP A 143 -3.38 -9.61 -21.04
N ALA A 144 -3.76 -8.76 -20.06
CA ALA A 144 -3.21 -8.84 -18.72
C ALA A 144 -4.14 -8.18 -17.71
N VAL A 145 -3.99 -8.59 -16.44
CA VAL A 145 -4.61 -7.88 -15.33
C VAL A 145 -3.46 -7.36 -14.45
N ALA A 146 -3.60 -6.11 -14.01
CA ALA A 146 -2.61 -5.46 -13.15
C ALA A 146 -3.25 -5.17 -11.79
N LEU A 147 -2.75 -5.86 -10.75
CA LEU A 147 -3.29 -5.75 -9.40
C LEU A 147 -2.37 -4.90 -8.54
N SER A 148 -2.96 -3.90 -7.86
CA SER A 148 -2.22 -2.95 -7.05
C SER A 148 -2.54 -3.16 -5.57
N CYS A 149 -1.48 -3.15 -4.76
CA CYS A 149 -1.57 -3.32 -3.32
C CYS A 149 -0.52 -2.43 -2.68
N THR A 150 -0.97 -1.48 -1.86
CA THR A 150 -0.11 -0.50 -1.21
C THR A 150 0.18 -0.84 0.26
N LEU A 151 -0.75 -1.53 0.91
CA LEU A 151 -0.65 -1.85 2.32
C LEU A 151 -0.21 -3.30 2.52
N PRO A 152 0.98 -3.57 3.08
CA PRO A 152 1.41 -4.96 3.33
C PRO A 152 0.38 -5.80 4.06
N ARG A 153 -0.50 -5.17 4.86
CA ARG A 153 -1.50 -5.95 5.58
C ARG A 153 -2.43 -6.69 4.61
N GLY A 154 -2.49 -6.23 3.35
CA GLY A 154 -3.34 -6.84 2.33
C GLY A 154 -2.70 -8.04 1.62
N LEU A 155 -1.49 -8.45 2.03
CA LEU A 155 -0.78 -9.50 1.31
C LEU A 155 -1.52 -10.85 1.26
N PRO A 156 -2.09 -11.37 2.37
CA PRO A 156 -2.84 -12.63 2.29
C PRO A 156 -3.96 -12.55 1.26
N ARG A 157 -4.71 -11.44 1.26
CA ARG A 157 -5.78 -11.23 0.29
C ARG A 157 -5.22 -11.14 -1.13
N ALA A 158 -4.10 -10.44 -1.29
CA ALA A 158 -3.44 -10.36 -2.59
C ALA A 158 -3.15 -11.75 -3.17
N ASP A 159 -2.64 -12.64 -2.32
CA ASP A 159 -2.29 -13.98 -2.74
C ASP A 159 -3.52 -14.73 -3.27
N GLN A 160 -4.64 -14.62 -2.56
CA GLN A 160 -5.90 -15.23 -2.98
C GLN A 160 -6.39 -14.68 -4.31
N VAL A 161 -6.40 -13.35 -4.44
CA VAL A 161 -6.91 -12.69 -5.64
C VAL A 161 -6.05 -13.01 -6.86
N VAL A 162 -4.72 -12.99 -6.67
CA VAL A 162 -3.81 -13.36 -7.74
C VAL A 162 -4.12 -14.75 -8.28
N ALA A 163 -4.25 -15.73 -7.38
CA ALA A 163 -4.57 -17.10 -7.76
C ALA A 163 -5.89 -17.21 -8.53
N ALA A 164 -6.92 -16.50 -8.07
CA ALA A 164 -8.22 -16.50 -8.72
C ALA A 164 -8.18 -15.89 -10.13
N CYS A 165 -7.34 -14.85 -10.31
CA CYS A 165 -7.13 -14.26 -11.63
C CYS A 165 -6.38 -15.21 -12.57
N ARG A 166 -5.30 -15.82 -12.08
CA ARG A 166 -4.60 -16.84 -12.84
C ARG A 166 -5.51 -17.98 -13.32
N ALA A 167 -6.46 -18.39 -12.47
CA ALA A 167 -7.39 -19.45 -12.81
C ALA A 167 -8.21 -19.13 -14.07
N THR A 168 -8.34 -17.83 -14.41
CA THR A 168 -8.99 -17.42 -15.65
C THR A 168 -8.10 -17.57 -16.88
N GLY A 169 -6.80 -17.82 -16.68
CA GLY A 169 -5.84 -17.86 -17.77
C GLY A 169 -5.26 -16.49 -18.11
N THR A 170 -5.65 -15.46 -17.34
CA THR A 170 -5.18 -14.09 -17.56
C THR A 170 -3.80 -13.92 -16.93
N PRO A 171 -2.76 -13.49 -17.68
CA PRO A 171 -1.48 -13.12 -17.07
C PRO A 171 -1.63 -11.99 -16.08
N VAL A 172 -0.99 -12.13 -14.90
CA VAL A 172 -1.13 -11.22 -13.80
C VAL A 172 0.15 -10.41 -13.57
N LEU A 173 0.01 -9.09 -13.54
CA LEU A 173 1.04 -8.20 -13.04
C LEU A 173 0.63 -7.77 -11.63
N VAL A 174 1.61 -7.58 -10.75
CA VAL A 174 1.36 -7.06 -9.42
C VAL A 174 2.33 -5.93 -9.10
N GLY A 175 1.90 -5.01 -8.26
CA GLY A 175 2.76 -3.94 -7.80
C GLY A 175 2.14 -3.16 -6.66
N GLY A 176 2.87 -2.13 -6.24
CA GLY A 176 2.53 -1.37 -5.04
C GLY A 176 3.43 -1.69 -3.86
N LEU A 177 3.46 -0.74 -2.91
CA LEU A 177 4.23 -0.86 -1.68
C LEU A 177 3.89 -2.10 -0.86
N GLY A 178 2.68 -2.63 -1.05
CA GLY A 178 2.24 -3.80 -0.33
C GLY A 178 3.08 -5.05 -0.56
N PHE A 179 3.73 -5.13 -1.73
CA PHE A 179 4.62 -6.24 -2.05
C PHE A 179 6.04 -6.02 -1.57
N GLY A 180 6.28 -4.87 -0.92
CA GLY A 180 7.47 -4.66 -0.12
C GLY A 180 8.66 -4.13 -0.91
N PRO A 181 9.84 -3.98 -0.25
CA PRO A 181 11.07 -3.57 -0.95
C PRO A 181 11.47 -4.57 -2.03
N ASP A 182 11.60 -4.07 -3.27
CA ASP A 182 12.05 -4.87 -4.40
C ASP A 182 11.07 -5.97 -4.75
N GLY A 183 9.83 -5.85 -4.27
CA GLY A 183 8.81 -6.86 -4.54
C GLY A 183 9.08 -8.18 -3.84
N ARG A 184 9.82 -8.13 -2.72
CA ARG A 184 10.24 -9.37 -2.09
C ARG A 184 9.04 -10.20 -1.65
N TRP A 185 7.95 -9.56 -1.20
CA TRP A 185 6.81 -10.34 -0.76
C TRP A 185 6.00 -10.88 -1.94
N ALA A 186 6.12 -10.27 -3.12
CA ALA A 186 5.57 -10.84 -4.34
C ALA A 186 6.30 -12.12 -4.72
N ARG A 187 7.63 -12.10 -4.57
CA ARG A 187 8.46 -13.24 -4.92
C ARG A 187 8.28 -14.40 -3.94
N VAL A 188 8.21 -14.10 -2.64
CA VAL A 188 7.85 -15.08 -1.61
C VAL A 188 6.60 -15.85 -2.03
N LEU A 189 5.55 -15.12 -2.46
CA LEU A 189 4.28 -15.74 -2.79
C LEU A 189 4.23 -16.32 -4.20
N GLY A 190 5.24 -16.01 -5.03
CA GLY A 190 5.18 -16.33 -6.45
C GLY A 190 3.98 -15.67 -7.11
N ALA A 191 3.64 -14.45 -6.66
CA ALA A 191 2.45 -13.75 -7.12
C ALA A 191 2.72 -13.01 -8.44
N GLY A 192 2.06 -13.46 -9.52
CA GLY A 192 2.19 -12.85 -10.83
C GLY A 192 3.63 -12.45 -11.16
N THR A 193 3.78 -11.40 -11.94
CA THR A 193 5.07 -10.79 -12.21
C THR A 193 5.02 -9.39 -11.60
N TRP A 194 5.98 -9.10 -10.72
CA TRP A 194 6.09 -7.81 -10.06
C TRP A 194 6.93 -6.84 -10.89
N ALA A 195 6.60 -5.55 -10.82
CA ALA A 195 7.47 -4.50 -11.35
C ALA A 195 7.43 -3.31 -10.38
N PRO A 196 8.52 -2.52 -10.26
CA PRO A 196 8.58 -1.43 -9.28
C PRO A 196 7.79 -0.17 -9.63
N THR A 197 7.65 0.12 -10.92
CA THR A 197 6.98 1.33 -11.39
C THR A 197 6.11 1.04 -12.60
N ALA A 198 5.29 2.04 -12.96
CA ALA A 198 4.50 1.99 -14.17
C ALA A 198 5.36 1.85 -15.43
N ARG A 199 6.48 2.59 -15.47
CA ARG A 199 7.41 2.53 -16.58
C ARG A 199 7.99 1.12 -16.73
N ALA A 200 8.39 0.52 -15.61
CA ALA A 200 8.90 -0.85 -15.63
C ALA A 200 7.81 -1.84 -16.00
N ALA A 201 6.56 -1.59 -15.58
CA ALA A 201 5.43 -2.43 -15.96
C ALA A 201 5.20 -2.44 -17.48
N ALA A 202 5.24 -1.25 -18.08
CA ALA A 202 5.14 -1.12 -19.53
C ALA A 202 6.28 -1.83 -20.25
N ASP A 203 7.49 -1.72 -19.71
CA ASP A 203 8.65 -2.40 -20.28
C ASP A 203 8.49 -3.92 -20.25
N LEU A 204 7.89 -4.45 -19.17
CA LEU A 204 7.57 -5.87 -19.10
C LEU A 204 6.63 -6.29 -20.22
N LEU A 205 5.63 -5.46 -20.50
CA LEU A 205 4.62 -5.77 -21.51
C LEU A 205 5.16 -5.67 -22.94
N ASP A 206 6.35 -5.07 -23.11
CA ASP A 206 7.04 -5.07 -24.39
C ASP A 206 7.92 -6.29 -24.62
N ARG A 207 8.12 -7.13 -23.59
CA ARG A 207 8.89 -8.35 -23.73
C ARG A 207 8.13 -9.36 -24.59
N PRO A 208 8.77 -10.00 -25.61
CA PRO A 208 8.05 -10.87 -26.55
C PRO A 208 7.35 -12.08 -25.94
N GLU A 209 7.91 -12.62 -24.85
CA GLU A 209 7.31 -13.71 -24.12
C GLU A 209 6.04 -13.32 -23.34
N TRP A 210 5.94 -12.04 -22.97
CA TRP A 210 4.83 -11.51 -22.16
C TRP A 210 4.75 -12.22 -20.80
N PRO A 211 5.34 -11.64 -19.73
CA PRO A 211 5.27 -12.22 -18.39
C PRO A 211 4.01 -11.80 -17.61
N PRO A 216 -1.45 -21.13 -12.82
CA PRO A 216 -1.71 -22.28 -11.93
C PRO A 216 -0.44 -22.77 -11.22
N ALA A 217 -0.03 -22.02 -10.18
CA ALA A 217 1.15 -22.34 -9.38
C ALA A 217 0.78 -23.05 -8.09
N PRO A 218 0.97 -24.39 -7.98
CA PRO A 218 0.50 -25.14 -6.80
C PRO A 218 1.05 -24.74 -5.42
N PRO A 219 2.38 -24.57 -5.24
CA PRO A 219 2.96 -24.39 -3.90
C PRO A 219 2.30 -23.34 -3.00
N ARG A 220 1.44 -23.83 -2.08
CA ARG A 220 0.76 -22.99 -1.10
C ARG A 220 0.50 -23.79 0.17
N PRO A 221 1.54 -24.19 0.93
CA PRO A 221 1.32 -25.02 2.13
C PRO A 221 0.38 -24.33 3.13
N ALA A 222 -0.48 -25.14 3.76
CA ALA A 222 -1.40 -24.66 4.78
C ALA A 222 -0.62 -23.92 5.86
N ASP A 223 -1.13 -22.75 6.29
CA ASP A 223 -0.48 -22.00 7.36
C ASP A 223 -1.41 -21.86 8.57
N PRO A 224 -1.42 -22.87 9.47
CA PRO A 224 -2.23 -22.84 10.69
C PRO A 224 -1.95 -21.68 11.65
N GLU A 225 -0.69 -21.24 11.78
CA GLU A 225 -0.43 -20.11 12.66
C GLU A 225 -1.08 -18.82 12.15
N TYR A 226 -1.05 -18.61 10.83
CA TYR A 226 -1.73 -17.49 10.22
C TYR A 226 -3.24 -17.57 10.49
N ALA A 227 -3.83 -18.75 10.26
CA ALA A 227 -5.26 -18.94 10.45
C ALA A 227 -5.66 -18.66 11.90
N ALA A 228 -4.82 -19.06 12.86
CA ALA A 228 -5.13 -18.82 14.26
C ALA A 228 -5.18 -17.32 14.58
N LEU A 229 -4.32 -16.51 13.94
CA LEU A 229 -4.31 -15.07 14.16
C LEU A 229 -5.59 -14.41 13.64
N ARG A 230 -6.11 -14.91 12.52
CA ARG A 230 -7.38 -14.44 11.98
C ARG A 230 -8.55 -14.84 12.88
N ALA A 231 -8.63 -16.13 13.21
CA ALA A 231 -9.69 -16.67 14.04
C ALA A 231 -9.70 -16.08 15.45
N ARG A 232 -8.53 -15.77 16.03
CA ARG A 232 -8.47 -15.31 17.41
C ARG A 232 -8.27 -13.80 17.56
N ARG A 233 -8.53 -13.06 16.48
CA ARG A 233 -8.24 -11.63 16.44
C ARG A 233 -8.87 -10.82 17.60
N ALA A 234 -10.16 -11.05 17.87
CA ALA A 234 -10.85 -10.30 18.93
C ALA A 234 -10.28 -10.64 20.31
N GLU A 235 -10.01 -11.93 20.55
CA GLU A 235 -9.36 -12.36 21.78
C GLU A 235 -8.03 -11.64 21.99
N LEU A 236 -7.25 -11.49 20.91
CA LEU A 236 -5.92 -10.91 21.01
C LEU A 236 -6.00 -9.41 21.27
N VAL A 237 -6.89 -8.73 20.54
CA VAL A 237 -7.22 -7.34 20.80
C VAL A 237 -7.60 -7.11 22.27
N ASP A 238 -8.51 -7.94 22.80
CA ASP A 238 -8.93 -7.84 24.20
C ASP A 238 -7.81 -8.05 25.20
N ALA A 239 -6.92 -9.02 24.91
CA ALA A 239 -5.76 -9.24 25.75
C ALA A 239 -4.85 -8.01 25.74
N GLY A 240 -4.67 -7.42 24.56
CA GLY A 240 -3.97 -6.15 24.42
C GLY A 240 -4.58 -5.05 25.29
N LEU A 241 -5.90 -4.89 25.22
CA LEU A 241 -6.60 -3.86 25.95
C LEU A 241 -6.49 -4.04 27.47
N ALA A 242 -6.63 -5.28 27.92
CA ALA A 242 -6.58 -5.61 29.34
C ALA A 242 -5.19 -5.29 29.91
N ALA A 243 -4.14 -5.62 29.17
CA ALA A 243 -2.78 -5.29 29.58
C ALA A 243 -2.56 -3.78 29.65
N LEU A 244 -3.18 -3.02 28.74
CA LEU A 244 -3.08 -1.57 28.72
C LEU A 244 -3.80 -0.91 29.89
N HIS A 245 -4.95 -1.49 30.31
CA HIS A 245 -5.66 -1.09 31.51
C HIS A 245 -4.76 -1.22 32.73
N GLU A 246 -4.13 -2.40 32.86
CA GLU A 246 -3.23 -2.66 33.97
C GLU A 246 -1.99 -1.77 33.96
N TRP A 247 -1.25 -1.75 32.84
CA TRP A 247 0.10 -1.23 32.82
C TRP A 247 0.34 0.09 32.07
N PHE A 248 -0.70 0.64 31.43
CA PHE A 248 -0.56 1.89 30.71
C PHE A 248 -1.51 2.93 31.31
N PRO A 249 -1.06 3.68 32.36
CA PRO A 249 -1.93 4.61 33.08
C PRO A 249 -2.82 5.53 32.25
N PRO A 250 -2.34 6.19 31.16
CA PRO A 250 -3.18 7.12 30.42
C PRO A 250 -4.50 6.55 29.89
N LEU A 251 -4.58 5.22 29.74
CA LEU A 251 -5.77 4.56 29.21
C LEU A 251 -6.99 4.72 30.11
N ARG A 252 -6.78 4.66 31.43
CA ARG A 252 -7.86 4.83 32.40
C ARG A 252 -8.65 6.12 32.16
N ASP A 253 -7.98 7.17 31.68
CA ASP A 253 -8.62 8.46 31.44
C ASP A 253 -9.10 8.72 30.01
N TYR A 254 -9.11 7.68 29.16
CA TYR A 254 -9.52 7.83 27.77
C TYR A 254 -11.04 7.95 27.64
N ASP A 255 -11.50 8.87 26.78
CA ASP A 255 -12.91 8.92 26.43
C ASP A 255 -13.20 7.78 25.45
N ALA A 256 -14.42 7.74 24.90
CA ALA A 256 -14.82 6.66 24.01
C ALA A 256 -14.08 6.73 22.68
N ARG A 257 -13.89 7.95 22.16
CA ARG A 257 -13.15 8.16 20.92
C ARG A 257 -11.76 7.52 20.98
N ARG A 258 -11.07 7.69 22.13
CA ARG A 258 -9.70 7.26 22.31
C ARG A 258 -9.58 5.77 22.59
N LEU A 259 -10.59 5.18 23.25
CA LEU A 259 -10.68 3.74 23.41
C LEU A 259 -10.92 3.06 22.07
N ASP A 260 -11.77 3.66 21.23
CA ASP A 260 -12.03 3.15 19.88
C ASP A 260 -10.78 3.20 19.01
N ALA A 261 -10.03 4.30 19.10
CA ALA A 261 -8.79 4.44 18.35
C ALA A 261 -7.81 3.36 18.82
N THR A 262 -7.75 3.14 20.14
CA THR A 262 -6.91 2.07 20.68
C THR A 262 -7.29 0.70 20.13
N LEU A 263 -8.59 0.39 20.09
CA LEU A 263 -9.08 -0.89 19.59
C LEU A 263 -8.79 -1.06 18.10
N ASP A 264 -9.02 -0.02 17.30
CA ASP A 264 -8.67 -0.07 15.89
C ASP A 264 -7.19 -0.39 15.70
N ASP A 265 -6.34 0.30 16.45
CA ASP A 265 -4.89 0.14 16.32
C ASP A 265 -4.46 -1.26 16.75
N LEU A 266 -5.01 -1.76 17.86
CA LEU A 266 -4.76 -3.11 18.31
C LEU A 266 -5.14 -4.11 17.21
N GLY A 267 -6.29 -3.88 16.56
CA GLY A 267 -6.71 -4.70 15.44
C GLY A 267 -5.70 -4.69 14.29
N ASP A 268 -5.21 -3.49 13.95
CA ASP A 268 -4.16 -3.38 12.95
C ASP A 268 -2.86 -4.07 13.33
N ILE A 269 -2.48 -3.99 14.62
CA ILE A 269 -1.30 -4.68 15.09
C ILE A 269 -1.45 -6.16 14.80
N VAL A 270 -2.59 -6.75 15.18
CA VAL A 270 -2.85 -8.16 14.91
C VAL A 270 -2.84 -8.46 13.41
N ASP A 271 -3.42 -7.58 12.59
CA ASP A 271 -3.50 -7.83 11.16
C ASP A 271 -2.13 -7.79 10.49
N HIS A 272 -1.25 -6.88 10.94
CA HIS A 272 0.09 -6.81 10.40
C HIS A 272 0.94 -8.01 10.84
N LEU A 273 0.73 -8.46 12.08
CA LEU A 273 1.36 -9.68 12.56
C LEU A 273 0.92 -10.86 11.69
N ALA A 274 -0.38 -10.94 11.40
CA ALA A 274 -0.88 -11.98 10.52
C ALA A 274 -0.21 -11.94 9.15
N ALA A 275 -0.13 -10.75 8.53
CA ALA A 275 0.50 -10.63 7.22
C ALA A 275 1.98 -11.03 7.25
N SER A 276 2.67 -10.63 8.32
CA SER A 276 4.07 -10.96 8.55
C SER A 276 4.29 -12.47 8.55
N VAL A 277 3.46 -13.16 9.34
CA VAL A 277 3.47 -14.61 9.45
C VAL A 277 3.13 -15.27 8.11
N TYR A 278 2.15 -14.71 7.39
CA TYR A 278 1.73 -15.26 6.12
C TYR A 278 2.87 -15.35 5.11
N VAL A 279 3.70 -14.29 5.02
CA VAL A 279 4.82 -14.26 4.08
C VAL A 279 6.13 -14.70 4.74
N ASP A 280 6.08 -15.13 6.01
CA ASP A 280 7.25 -15.58 6.73
C ASP A 280 8.39 -14.58 6.75
N ASP A 281 8.07 -13.30 6.94
CA ASP A 281 9.09 -12.26 6.98
C ASP A 281 8.85 -11.34 8.16
N PRO A 282 9.46 -11.64 9.33
CA PRO A 282 9.36 -10.78 10.50
C PRO A 282 9.74 -9.32 10.28
N GLU A 283 10.52 -9.02 9.24
CA GLU A 283 10.82 -7.63 8.90
C GLU A 283 9.57 -6.85 8.56
N LEU A 284 8.56 -7.52 8.01
CA LEU A 284 7.27 -6.86 7.78
C LEU A 284 6.75 -6.32 9.11
N PHE A 285 6.66 -7.20 10.11
CA PHE A 285 6.13 -6.82 11.41
C PHE A 285 7.06 -5.83 12.12
N GLY A 286 8.38 -6.02 11.97
CA GLY A 286 9.35 -5.11 12.54
C GLY A 286 9.24 -3.65 12.08
N GLU A 287 9.23 -3.44 10.77
CA GLU A 287 9.08 -2.12 10.20
C GLU A 287 7.71 -1.50 10.53
N PHE A 288 6.66 -2.34 10.56
CA PHE A 288 5.35 -1.89 10.98
C PHE A 288 5.34 -1.37 12.43
N VAL A 289 6.02 -2.08 13.33
CA VAL A 289 6.03 -1.70 14.74
C VAL A 289 6.76 -0.38 14.97
N THR A 290 7.90 -0.18 14.30
CA THR A 290 8.67 1.04 14.50
C THR A 290 7.98 2.22 13.83
N TRP A 291 7.31 1.97 12.69
CA TRP A 291 6.48 2.98 12.05
C TRP A 291 5.33 3.41 12.96
N THR A 292 4.62 2.43 13.54
CA THR A 292 3.57 2.67 14.51
C THR A 292 4.06 3.54 15.66
N ALA A 293 5.27 3.26 16.17
CA ALA A 293 5.84 4.06 17.25
C ALA A 293 5.97 5.53 16.89
N GLU A 294 6.41 5.82 15.66
CA GLU A 294 6.52 7.19 15.18
C GLU A 294 5.16 7.85 14.98
N VAL A 295 4.20 7.10 14.42
CA VAL A 295 2.84 7.59 14.21
C VAL A 295 2.21 8.01 15.54
N LEU A 296 2.27 7.12 16.53
CA LEU A 296 1.70 7.37 17.84
C LEU A 296 2.42 8.50 18.59
N ALA A 297 3.75 8.48 18.59
CA ALA A 297 4.53 9.51 19.27
C ALA A 297 4.21 10.89 18.69
N ALA A 298 4.02 10.99 17.37
CA ALA A 298 3.69 12.26 16.76
C ALA A 298 2.28 12.73 17.10
N ARG A 299 1.47 11.84 17.66
CA ARG A 299 0.13 12.18 18.12
C ARG A 299 -0.03 12.18 19.65
N GLY A 300 1.09 12.29 20.37
CA GLY A 300 1.08 12.37 21.82
C GLY A 300 0.77 11.06 22.56
N VAL A 301 0.85 9.93 21.87
CA VAL A 301 0.62 8.64 22.49
C VAL A 301 1.95 7.93 22.68
N SER A 302 2.25 7.56 23.93
CA SER A 302 3.53 6.96 24.27
C SER A 302 3.70 5.60 23.59
N PRO A 303 4.75 5.43 22.75
CA PRO A 303 4.96 4.16 22.06
C PRO A 303 5.33 2.98 22.99
N ALA A 304 5.58 3.29 24.27
CA ALA A 304 5.66 2.27 25.31
C ALA A 304 4.38 1.46 25.45
N SER A 305 3.22 2.06 25.10
CA SER A 305 1.96 1.35 25.07
C SER A 305 1.99 0.11 24.15
N VAL A 306 2.71 0.24 23.02
CA VAL A 306 2.80 -0.84 22.04
C VAL A 306 3.52 -2.05 22.64
N GLU A 307 4.61 -1.81 23.39
CA GLU A 307 5.30 -2.88 24.08
C GLU A 307 4.38 -3.61 25.07
N VAL A 308 3.55 -2.87 25.80
CA VAL A 308 2.60 -3.47 26.72
C VAL A 308 1.64 -4.42 26.00
N ALA A 309 1.12 -3.98 24.84
CA ALA A 309 0.22 -4.81 24.05
C ALA A 309 0.91 -6.03 23.45
N LEU A 310 2.09 -5.83 22.85
CA LEU A 310 2.83 -6.91 22.21
C LEU A 310 3.24 -7.99 23.21
N GLU A 311 3.68 -7.57 24.40
CA GLU A 311 4.04 -8.50 25.46
C GLU A 311 2.82 -9.33 25.84
N ALA A 312 1.67 -8.68 26.01
CA ALA A 312 0.43 -9.38 26.33
C ALA A 312 -0.03 -10.34 25.23
N ILE A 313 0.05 -9.91 23.97
CA ILE A 313 -0.26 -10.79 22.86
C ILE A 313 0.72 -11.98 22.83
N ALA A 314 2.00 -11.72 23.14
CA ALA A 314 3.01 -12.77 23.18
C ALA A 314 2.74 -13.84 24.24
N ARG A 315 2.21 -13.45 25.41
CA ARG A 315 1.85 -14.41 26.45
C ARG A 315 0.75 -15.36 25.96
N VAL A 316 -0.29 -14.81 25.32
CA VAL A 316 -1.39 -15.61 24.83
C VAL A 316 -0.93 -16.62 23.76
N LEU A 317 0.02 -16.21 22.92
CA LEU A 317 0.46 -17.02 21.80
C LEU A 317 1.83 -17.68 22.00
N ASP A 318 2.24 -17.89 23.25
CA ASP A 318 3.60 -18.35 23.52
C ASP A 318 3.89 -19.76 23.00
N ASP A 319 2.83 -20.55 22.78
CA ASP A 319 2.97 -21.88 22.19
C ASP A 319 2.75 -21.93 20.67
N HIS A 320 2.78 -20.76 20.03
CA HIS A 320 2.79 -20.63 18.58
C HIS A 320 4.20 -20.25 18.12
N PRO A 321 5.04 -21.22 17.69
CA PRO A 321 6.48 -20.98 17.58
C PRO A 321 6.90 -19.92 16.56
N ARG A 322 6.38 -19.98 15.33
CA ARG A 322 6.74 -18.96 14.34
CA ARG A 322 6.70 -18.98 14.33
C ARG A 322 6.20 -17.60 14.79
N THR A 323 4.95 -17.57 15.27
CA THR A 323 4.32 -16.32 15.67
C THR A 323 5.11 -15.63 16.79
N ARG A 324 5.60 -16.40 17.77
CA ARG A 324 6.34 -15.81 18.87
C ARG A 324 7.68 -15.24 18.39
N HIS A 325 8.27 -15.82 17.34
CA HIS A 325 9.44 -15.20 16.75
C HIS A 325 9.09 -13.82 16.17
N HIS A 326 7.99 -13.73 15.42
CA HIS A 326 7.61 -12.46 14.82
C HIS A 326 7.41 -11.40 15.91
N LEU A 327 6.71 -11.79 16.98
CA LEU A 327 6.46 -10.92 18.11
C LEU A 327 7.75 -10.52 18.84
N ASP A 328 8.66 -11.48 19.07
CA ASP A 328 9.97 -11.15 19.64
C ASP A 328 10.67 -10.07 18.83
N HIS A 329 10.66 -10.26 17.51
CA HIS A 329 11.40 -9.37 16.63
C HIS A 329 10.78 -7.97 16.65
N GLY A 330 9.44 -7.92 16.64
CA GLY A 330 8.75 -6.64 16.75
C GLY A 330 9.09 -5.89 18.04
N ARG A 331 9.04 -6.60 19.18
CA ARG A 331 9.30 -5.98 20.47
C ARG A 331 10.76 -5.53 20.58
N ARG A 332 11.65 -6.34 20.02
CA ARG A 332 13.07 -6.01 19.98
C ARG A 332 13.34 -4.78 19.11
N ALA A 333 12.74 -4.74 17.92
CA ALA A 333 12.82 -3.56 17.06
C ALA A 333 12.25 -2.31 17.73
N LEU A 334 11.12 -2.46 18.41
CA LEU A 334 10.58 -1.36 19.19
C LEU A 334 11.58 -0.89 20.24
N ALA A 335 12.09 -1.82 21.08
CA ALA A 335 13.05 -1.44 22.11
C ALA A 335 14.23 -0.68 21.52
N ALA A 336 14.75 -1.15 20.38
CA ALA A 336 15.90 -0.52 19.75
C ALA A 336 15.54 0.87 19.22
N HIS A 337 14.32 0.98 18.68
CA HIS A 337 13.82 2.26 18.19
C HIS A 337 13.74 3.29 19.32
N LEU A 338 13.20 2.88 20.48
CA LEU A 338 13.00 3.76 21.63
C LEU A 338 14.29 4.15 22.36
N GLU A 339 15.29 3.26 22.36
CA GLU A 339 16.60 3.62 22.88
C GLU A 339 17.29 4.62 21.96
N HIS A 340 17.14 4.43 20.65
CA HIS A 340 18.01 5.04 19.66
C HIS A 340 17.43 6.34 19.10
N HIS A 341 16.18 6.70 19.47
CA HIS A 341 15.53 7.88 18.90
C HIS A 341 16.26 9.14 19.38
#